data_5JQE
#
_entry.id   5JQE
#
_cell.length_a   130.923
_cell.length_b   130.923
_cell.length_c   67.956
_cell.angle_alpha   90.00
_cell.angle_beta   90.00
_cell.angle_gamma   120.00
#
_symmetry.space_group_name_H-M   'P 64'
#
_entity_poly.entity_id   1
_entity_poly.type   'polypeptide(L)'
_entity_poly.pdbx_seq_one_letter_code
;MGSSHHHHHHGTKTEEGKLVIWINGDKGYNGLAEVGKKFEKDTGIKVTVEHPDKLEEKFPQVAATGDGPDIIFWAHDRFG
GYAQSGLLAEITPDKAFQDKLYPFTWDAVRYNGKLIAYPIAVEALSLIYNKDLLPNPPKTWEEIPALDKELKAKGKSALM
FNLQEPYFTWPLIAADGGYAFKYENGKYDIKDVGVDNAGAKAGLTFLVDLIKNKHMNADTDYSIAEAAFNKGETAMTING
PWAWSNIDTSKVNYGVTVLPTFKGQPSKPFVGVLSAGINAASPNKELAKEFLENYLLTDEGLEAVNKDKPLGAVALKSYE
EELAKDPRIAATMENAQKGEIMPNIPQMSAFWYAVRTAVINAASGRQTVDEALAAAQTHMDFSRNLYDIGEQLDSEDLAS
LKFLSLDYIPQRKQEPIKDALMLFQRLQEKRMLEESNLSFLKELLFRINRLDLLITYLNTRKEEMERELQTPGRAQISAY
RVMLYQISEEVSRSELRSFKGGLQEEISKCKLDDDMNLLDIFIEMEKRVILGEGKLDILKRVCAQINKSLLKIINDYEEF
SKERS
;
_entity_poly.pdbx_strand_id   A
#
# COMPACT_ATOMS: atom_id res chain seq x y z
N LYS A 18 -7.43 5.07 -31.88
CA LYS A 18 -7.56 6.24 -31.00
C LYS A 18 -6.91 6.02 -29.64
N LEU A 19 -5.78 6.67 -29.39
CA LEU A 19 -5.11 6.58 -28.10
C LEU A 19 -5.67 7.61 -27.13
N VAL A 20 -5.83 7.21 -25.87
CA VAL A 20 -6.27 8.09 -24.79
C VAL A 20 -5.30 7.92 -23.64
N ILE A 21 -4.69 9.02 -23.20
CA ILE A 21 -3.66 8.99 -22.16
C ILE A 21 -4.20 9.66 -20.91
N TRP A 22 -3.90 9.07 -19.75
CA TRP A 22 -4.14 9.67 -18.46
C TRP A 22 -2.82 9.98 -17.78
N ILE A 23 -2.80 11.10 -17.05
CA ILE A 23 -1.61 11.61 -16.40
C ILE A 23 -2.06 12.70 -15.44
N ASN A 24 -1.33 12.92 -14.35
CA ASN A 24 -1.83 13.85 -13.34
C ASN A 24 -1.64 15.29 -13.79
N GLY A 25 -2.46 16.18 -13.22
CA GLY A 25 -2.46 17.58 -13.59
C GLY A 25 -1.19 18.32 -13.24
N ASP A 26 -0.46 17.88 -12.22
CA ASP A 26 0.80 18.50 -11.83
C ASP A 26 1.97 18.09 -12.73
N LYS A 27 1.68 17.40 -13.84
CA LYS A 27 2.69 16.99 -14.80
C LYS A 27 2.67 17.92 -16.00
N GLY A 28 3.60 17.69 -16.92
CA GLY A 28 3.62 18.42 -18.17
C GLY A 28 2.73 17.75 -19.19
N TYR A 29 1.41 17.88 -19.01
CA TYR A 29 0.49 17.04 -19.76
C TYR A 29 0.23 17.56 -21.17
N ASN A 30 0.23 18.87 -21.38
CA ASN A 30 0.06 19.37 -22.74
C ASN A 30 1.38 19.53 -23.48
N GLY A 31 2.51 19.35 -22.80
CA GLY A 31 3.73 19.01 -23.51
C GLY A 31 3.70 17.58 -23.99
N LEU A 32 3.05 16.70 -23.20
CA LEU A 32 2.76 15.35 -23.67
C LEU A 32 1.70 15.37 -24.77
N ALA A 33 0.74 16.29 -24.69
CA ALA A 33 -0.23 16.41 -25.76
C ALA A 33 0.39 16.90 -27.06
N GLU A 34 1.62 17.43 -27.01
CA GLU A 34 2.28 17.98 -28.18
C GLU A 34 3.12 16.94 -28.91
N VAL A 35 3.76 16.02 -28.17
CA VAL A 35 4.33 14.84 -28.83
C VAL A 35 3.21 13.96 -29.35
N GLY A 36 2.01 14.05 -28.77
CA GLY A 36 0.86 13.33 -29.28
C GLY A 36 0.27 13.92 -30.54
N LYS A 37 0.59 15.17 -30.87
CA LYS A 37 0.21 15.78 -32.14
C LYS A 37 1.31 15.71 -33.18
N LYS A 38 2.58 15.64 -32.75
CA LYS A 38 3.62 15.13 -33.65
C LYS A 38 3.28 13.72 -34.11
N PHE A 39 2.72 12.91 -33.22
CA PHE A 39 2.49 11.50 -33.54
C PHE A 39 1.37 11.33 -34.56
N GLU A 40 0.30 12.13 -34.45
CA GLU A 40 -0.86 11.89 -35.29
C GLU A 40 -0.63 12.32 -36.73
N LYS A 41 0.20 13.34 -36.97
CA LYS A 41 0.42 13.76 -38.35
C LYS A 41 1.27 12.76 -39.13
N ASP A 42 1.83 11.76 -38.45
CA ASP A 42 2.46 10.61 -39.09
C ASP A 42 1.57 9.38 -39.05
N THR A 43 0.34 9.51 -38.56
CA THR A 43 -0.43 8.36 -38.13
C THR A 43 -1.92 8.53 -38.38
N GLY A 44 -2.39 9.78 -38.34
CA GLY A 44 -3.81 10.04 -38.47
C GLY A 44 -4.53 9.81 -37.17
N ILE A 45 -4.23 8.69 -36.52
CA ILE A 45 -4.71 8.40 -35.18
C ILE A 45 -4.19 9.44 -34.20
N LYS A 46 -5.07 10.33 -33.76
CA LYS A 46 -4.71 11.33 -32.76
C LYS A 46 -4.79 10.75 -31.36
N VAL A 47 -4.05 11.37 -30.45
CA VAL A 47 -4.14 11.04 -29.04
C VAL A 47 -4.69 12.26 -28.34
N THR A 48 -5.42 12.02 -27.25
CA THR A 48 -5.99 13.09 -26.42
C THR A 48 -5.58 12.83 -24.98
N VAL A 49 -4.58 13.58 -24.50
CA VAL A 49 -4.14 13.44 -23.12
C VAL A 49 -5.17 14.06 -22.20
N GLU A 50 -5.38 13.42 -21.04
CA GLU A 50 -6.28 13.94 -20.03
C GLU A 50 -5.62 13.89 -18.67
N HIS A 51 -6.12 14.73 -17.76
CA HIS A 51 -5.74 14.69 -16.35
C HIS A 51 -7.01 14.54 -15.50
N PRO A 52 -7.65 13.37 -15.53
CA PRO A 52 -8.83 13.17 -14.70
C PRO A 52 -8.48 13.34 -13.22
N ASP A 53 -9.41 13.91 -12.49
CA ASP A 53 -9.17 14.23 -11.09
C ASP A 53 -9.19 12.96 -10.26
N LYS A 54 -8.10 12.71 -9.52
CA LYS A 54 -7.96 11.52 -8.68
C LYS A 54 -7.95 10.25 -9.52
N LEU A 55 -7.12 10.25 -10.57
CA LEU A 55 -7.17 9.17 -11.54
C LEU A 55 -6.60 7.86 -11.02
N GLU A 56 -5.74 7.91 -10.01
CA GLU A 56 -5.17 6.67 -9.47
C GLU A 56 -6.24 5.82 -8.80
N GLU A 57 -7.20 6.46 -8.13
CA GLU A 57 -8.22 5.70 -7.42
C GLU A 57 -9.29 5.18 -8.37
N LYS A 58 -9.63 5.96 -9.38
CA LYS A 58 -10.75 5.62 -10.26
C LYS A 58 -10.33 4.85 -11.51
N PHE A 59 -9.04 4.61 -11.71
CA PHE A 59 -8.65 3.78 -12.85
C PHE A 59 -9.00 2.32 -12.61
N PRO A 60 -8.75 1.75 -11.41
CA PRO A 60 -9.21 0.37 -11.16
C PRO A 60 -10.70 0.18 -11.38
N GLN A 61 -11.50 1.20 -11.11
CA GLN A 61 -12.95 1.10 -11.19
C GLN A 61 -13.44 1.06 -12.63
N VAL A 62 -12.80 1.85 -13.51
CA VAL A 62 -13.26 1.94 -14.89
C VAL A 62 -12.58 0.93 -15.81
N ALA A 63 -11.45 0.34 -15.38
CA ALA A 63 -10.79 -0.65 -16.22
C ALA A 63 -11.49 -2.00 -16.14
N ALA A 64 -12.02 -2.36 -14.97
CA ALA A 64 -12.79 -3.59 -14.82
C ALA A 64 -14.12 -3.54 -15.56
N THR A 65 -14.52 -2.39 -16.09
CA THR A 65 -15.66 -2.26 -16.97
C THR A 65 -15.25 -2.36 -18.43
N GLY A 66 -13.93 -2.33 -18.66
CA GLY A 66 -13.34 -2.30 -19.98
C GLY A 66 -13.13 -0.92 -20.59
N ASP A 67 -13.36 0.16 -19.83
CA ASP A 67 -13.23 1.56 -20.33
C ASP A 67 -12.05 2.50 -19.99
N GLY A 68 -11.01 2.04 -19.31
CA GLY A 68 -9.92 2.93 -18.95
C GLY A 68 -9.12 3.46 -20.11
N PRO A 69 -8.46 4.56 -19.93
CA PRO A 69 -7.67 5.06 -21.06
C PRO A 69 -6.84 3.96 -21.71
N ASP A 70 -6.11 4.30 -22.78
CA ASP A 70 -5.17 3.34 -23.35
C ASP A 70 -3.87 3.31 -22.54
N ILE A 71 -3.32 4.48 -22.26
CA ILE A 71 -2.07 4.62 -21.51
C ILE A 71 -2.37 5.34 -20.20
N ILE A 72 -1.64 4.98 -19.15
CA ILE A 72 -1.82 5.52 -17.81
C ILE A 72 -0.45 5.87 -17.25
N PHE A 73 -0.26 7.15 -16.90
CA PHE A 73 1.00 7.66 -16.37
C PHE A 73 0.87 7.83 -14.86
N TRP A 74 1.66 7.08 -14.10
CA TRP A 74 1.62 7.20 -12.65
C TRP A 74 2.91 6.62 -12.06
N ALA A 75 3.06 6.83 -10.75
CA ALA A 75 4.18 6.26 -10.02
C ALA A 75 4.12 4.74 -10.05
N HIS A 76 5.29 4.11 -10.02
CA HIS A 76 5.37 2.68 -10.29
C HIS A 76 4.77 1.85 -9.16
N ASP A 77 4.81 2.35 -7.92
CA ASP A 77 4.40 1.54 -6.78
C ASP A 77 2.94 1.12 -6.87
N ARG A 78 2.14 1.95 -7.47
CA ARG A 78 0.76 1.66 -7.60
C ARG A 78 0.47 0.68 -8.68
N PHE A 79 1.27 0.68 -9.73
CA PHE A 79 1.07 -0.20 -10.88
C PHE A 79 1.08 -1.67 -10.49
N GLY A 80 1.68 -2.01 -9.34
CA GLY A 80 1.64 -3.39 -8.88
C GLY A 80 0.22 -3.85 -8.61
N GLY A 81 -0.54 -3.06 -7.85
CA GLY A 81 -1.92 -3.40 -7.59
C GLY A 81 -2.75 -3.54 -8.85
N TYR A 82 -2.51 -2.67 -9.84
CA TYR A 82 -3.21 -2.78 -11.12
C TYR A 82 -2.86 -4.10 -11.80
N ALA A 83 -1.58 -4.49 -11.78
CA ALA A 83 -1.18 -5.73 -12.42
C ALA A 83 -1.69 -6.95 -11.65
N GLN A 84 -1.66 -6.87 -10.31
CA GLN A 84 -2.24 -7.92 -9.47
C GLN A 84 -3.66 -8.28 -9.91
N SER A 85 -4.40 -7.30 -10.42
CA SER A 85 -5.74 -7.53 -10.96
C SER A 85 -5.73 -7.65 -12.48
N GLY A 86 -4.56 -7.74 -13.10
CA GLY A 86 -4.46 -7.89 -14.54
C GLY A 86 -4.99 -6.71 -15.33
N LEU A 87 -4.84 -5.49 -14.81
CA LEU A 87 -5.35 -4.30 -15.47
C LEU A 87 -4.35 -3.67 -16.43
N LEU A 88 -3.07 -4.04 -16.33
CA LEU A 88 -2.05 -3.64 -17.28
C LEU A 88 -1.52 -4.87 -18.00
N ALA A 89 -1.58 -4.85 -19.33
CA ALA A 89 -0.95 -5.88 -20.12
C ALA A 89 0.56 -5.74 -20.05
N GLU A 90 1.26 -6.86 -20.23
CA GLU A 90 2.71 -6.87 -20.18
C GLU A 90 3.27 -6.38 -21.52
N ILE A 91 4.07 -5.32 -21.47
CA ILE A 91 4.68 -4.74 -22.65
C ILE A 91 5.71 -5.72 -23.22
N THR A 92 6.31 -5.37 -24.35
CA THR A 92 7.30 -6.24 -25.00
C THR A 92 8.33 -5.36 -25.71
N PRO A 93 9.19 -4.69 -24.94
CA PRO A 93 10.22 -3.85 -25.56
C PRO A 93 11.39 -4.68 -26.05
N ASP A 94 11.86 -4.37 -27.26
CA ASP A 94 13.13 -4.89 -27.77
C ASP A 94 14.21 -4.70 -26.72
N LYS A 95 15.10 -5.68 -26.63
CA LYS A 95 16.14 -5.66 -25.63
C LYS A 95 17.21 -4.60 -25.94
N ALA A 96 17.55 -4.41 -27.23
CA ALA A 96 18.35 -3.25 -27.64
C ALA A 96 17.71 -1.92 -27.23
N PHE A 97 16.38 -1.88 -27.11
CA PHE A 97 15.73 -0.69 -26.57
C PHE A 97 15.95 -0.57 -25.06
N GLN A 98 15.84 -1.70 -24.34
CA GLN A 98 15.95 -1.66 -22.88
C GLN A 98 17.23 -0.96 -22.41
N ASP A 99 18.31 -1.05 -23.19
CA ASP A 99 19.59 -0.42 -22.85
C ASP A 99 19.55 1.10 -23.02
N LYS A 100 18.53 1.62 -23.71
CA LYS A 100 18.44 3.07 -23.85
C LYS A 100 18.23 3.72 -22.51
N LEU A 101 17.80 2.95 -21.51
CA LEU A 101 17.52 3.44 -20.18
C LEU A 101 18.41 2.75 -19.16
N TYR A 102 18.63 3.45 -18.04
CA TYR A 102 19.44 2.95 -16.94
C TYR A 102 18.94 1.59 -16.45
N PRO A 103 19.84 0.73 -15.95
CA PRO A 103 19.44 -0.65 -15.65
C PRO A 103 18.35 -0.76 -14.60
N PHE A 104 18.46 -0.01 -13.51
CA PHE A 104 17.59 -0.25 -12.36
C PHE A 104 16.13 0.08 -12.64
N THR A 105 15.85 1.00 -13.56
CA THR A 105 14.48 1.46 -13.79
C THR A 105 13.56 0.36 -14.29
N TRP A 106 14.08 -0.77 -14.79
CA TRP A 106 13.22 -1.88 -15.15
C TRP A 106 12.86 -2.76 -13.96
N ASP A 107 13.61 -2.69 -12.87
CA ASP A 107 13.23 -3.42 -11.67
C ASP A 107 11.98 -2.85 -11.01
N ALA A 108 11.58 -1.63 -11.38
CA ALA A 108 10.42 -0.98 -10.79
C ALA A 108 9.11 -1.32 -11.50
N VAL A 109 9.19 -1.85 -12.72
CA VAL A 109 8.00 -2.13 -13.52
C VAL A 109 7.83 -3.62 -13.74
N ARG A 110 7.98 -4.40 -12.68
CA ARG A 110 7.85 -5.85 -12.80
C ARG A 110 6.89 -6.40 -11.75
N TYR A 111 6.12 -7.40 -12.19
CA TYR A 111 5.18 -8.16 -11.39
C TYR A 111 5.37 -9.55 -11.91
N ASN A 112 5.44 -10.54 -11.05
CA ASN A 112 5.70 -11.90 -11.54
C ASN A 112 6.90 -11.94 -12.48
N GLY A 113 7.84 -11.00 -12.30
CA GLY A 113 9.02 -10.94 -13.14
C GLY A 113 8.81 -10.34 -14.52
N LYS A 114 7.58 -10.21 -14.99
CA LYS A 114 7.32 -9.68 -16.32
C LYS A 114 7.17 -8.17 -16.28
N LEU A 115 7.66 -7.51 -17.33
CA LEU A 115 7.60 -6.06 -17.41
C LEU A 115 6.16 -5.60 -17.64
N ILE A 116 5.80 -4.47 -17.03
CA ILE A 116 4.44 -3.97 -17.01
C ILE A 116 4.33 -2.57 -17.59
N ALA A 117 5.25 -1.66 -17.24
CA ALA A 117 5.20 -0.28 -17.67
C ALA A 117 6.54 0.14 -18.27
N TYR A 118 6.54 1.31 -18.94
CA TYR A 118 7.76 1.93 -19.43
C TYR A 118 8.24 2.97 -18.42
N PRO A 119 9.49 2.91 -17.97
CA PRO A 119 9.99 3.95 -17.07
C PRO A 119 10.16 5.28 -17.78
N ILE A 120 9.74 6.36 -17.13
CA ILE A 120 9.74 7.69 -17.71
C ILE A 120 10.68 8.64 -16.96
N ALA A 121 10.50 8.74 -15.64
CA ALA A 121 11.30 9.65 -14.84
C ALA A 121 11.67 8.97 -13.54
N VAL A 122 12.58 9.59 -12.79
CA VAL A 122 13.12 9.02 -11.56
C VAL A 122 13.19 10.12 -10.52
N GLU A 123 12.80 9.78 -9.28
CA GLU A 123 12.70 10.74 -8.19
C GLU A 123 13.35 10.16 -6.93
N ALA A 124 14.04 11.02 -6.17
CA ALA A 124 14.70 10.61 -4.94
C ALA A 124 15.00 11.84 -4.10
N LEU A 125 15.30 11.59 -2.83
CA LEU A 125 15.75 12.67 -1.95
C LEU A 125 17.23 12.93 -2.16
N SER A 126 17.60 14.19 -2.00
CA SER A 126 19.01 14.60 -2.04
C SER A 126 19.30 15.53 -0.88
N LEU A 127 20.58 15.66 -0.57
CA LEU A 127 21.05 16.62 0.42
C LEU A 127 21.05 18.01 -0.19
N ILE A 128 20.35 18.94 0.45
CA ILE A 128 20.23 20.32 -0.02
C ILE A 128 20.85 21.23 1.02
N TYR A 129 21.93 21.93 0.65
CA TYR A 129 22.67 22.74 1.61
C TYR A 129 22.52 24.22 1.26
N ASN A 130 23.27 25.06 1.97
CA ASN A 130 23.16 26.52 1.89
C ASN A 130 24.59 27.04 1.67
N LYS A 131 24.94 27.33 0.41
CA LYS A 131 26.34 27.60 0.07
C LYS A 131 26.91 28.79 0.84
N ASP A 132 26.10 29.85 1.01
CA ASP A 132 26.54 30.97 1.83
C ASP A 132 26.80 30.52 3.27
N LEU A 133 25.90 29.71 3.82
CA LEU A 133 26.02 29.22 5.19
C LEU A 133 27.02 28.07 5.30
N LEU A 134 27.19 27.29 4.24
CA LEU A 134 27.90 26.02 4.32
C LEU A 134 28.56 25.78 2.96
N PRO A 135 29.78 26.28 2.77
CA PRO A 135 30.43 26.16 1.45
C PRO A 135 30.68 24.72 1.03
N ASN A 136 30.91 23.80 1.97
CA ASN A 136 31.22 22.43 1.62
C ASN A 136 30.30 21.47 2.40
N PRO A 137 29.61 20.57 1.72
CA PRO A 137 28.75 19.62 2.42
C PRO A 137 29.55 18.47 2.98
N PRO A 138 29.13 17.89 4.10
CA PRO A 138 29.78 16.66 4.57
C PRO A 138 29.51 15.49 3.63
N LYS A 139 30.57 14.73 3.35
CA LYS A 139 30.43 13.43 2.69
C LYS A 139 29.74 12.41 3.57
N THR A 140 29.49 12.75 4.84
CA THR A 140 29.45 11.76 5.90
C THR A 140 28.49 12.20 7.00
N TRP A 141 27.65 11.26 7.45
CA TRP A 141 26.71 11.56 8.52
C TRP A 141 27.45 11.86 9.83
N GLU A 142 28.53 11.13 10.09
CA GLU A 142 29.26 11.27 11.35
C GLU A 142 29.94 12.63 11.47
N GLU A 143 30.17 13.32 10.36
CA GLU A 143 30.79 14.65 10.40
C GLU A 143 29.84 15.71 10.94
N ILE A 144 28.58 15.38 11.18
CA ILE A 144 27.53 16.40 11.37
C ILE A 144 27.40 16.81 12.84
N PRO A 145 27.43 15.90 13.82
CA PRO A 145 27.46 16.37 15.22
C PRO A 145 28.59 17.36 15.49
N ALA A 146 29.82 17.01 15.08
CA ALA A 146 30.93 17.96 15.19
C ALA A 146 30.64 19.23 14.41
N LEU A 147 29.92 19.12 13.29
CA LEU A 147 29.64 20.29 12.47
C LEU A 147 28.52 21.14 13.08
N ASP A 148 27.45 20.50 13.55
CA ASP A 148 26.36 21.24 14.18
C ASP A 148 26.85 21.98 15.40
N LYS A 149 27.84 21.42 16.12
CA LYS A 149 28.46 22.12 17.22
C LYS A 149 29.01 23.47 16.78
N GLU A 150 29.51 23.55 15.55
CA GLU A 150 30.05 24.79 15.00
C GLU A 150 28.94 25.82 14.78
N LEU A 151 28.05 25.56 13.83
CA LEU A 151 27.04 26.55 13.49
C LEU A 151 26.14 26.89 14.67
N LYS A 152 26.03 26.00 15.65
CA LYS A 152 25.30 26.31 16.87
C LYS A 152 25.89 27.54 17.55
N ALA A 153 27.18 27.81 17.34
CA ALA A 153 27.85 28.89 18.05
C ALA A 153 27.42 30.27 17.59
N LYS A 154 26.69 30.37 16.48
CA LYS A 154 26.05 31.63 16.09
C LYS A 154 24.64 31.35 15.56
N GLY A 155 23.85 30.71 16.41
CA GLY A 155 22.41 30.65 16.29
C GLY A 155 21.85 30.06 15.02
N LYS A 156 22.49 29.04 14.47
CA LYS A 156 21.99 28.37 13.27
C LYS A 156 22.28 26.87 13.36
N SER A 157 21.30 26.06 12.98
CA SER A 157 21.47 24.62 13.02
C SER A 157 22.22 24.13 11.79
N ALA A 158 22.77 22.93 11.91
CA ALA A 158 23.44 22.31 10.75
C ALA A 158 22.44 21.61 9.84
N LEU A 159 21.65 20.69 10.40
CA LEU A 159 20.71 19.92 9.62
C LEU A 159 19.32 19.97 10.25
N MET A 160 18.30 20.11 9.40
CA MET A 160 16.92 20.18 9.84
C MET A 160 16.07 19.60 8.72
N PHE A 161 15.48 18.43 8.95
CA PHE A 161 14.61 17.84 7.94
C PHE A 161 13.46 17.12 8.62
N ASN A 162 12.50 16.70 7.81
CA ASN A 162 11.24 16.14 8.29
C ASN A 162 11.48 14.78 8.93
N LEU A 163 11.15 14.66 10.22
CA LEU A 163 11.29 13.39 10.95
C LEU A 163 9.96 12.69 11.20
N GLN A 164 8.86 13.24 10.70
CA GLN A 164 7.53 12.70 10.99
C GLN A 164 7.09 11.63 10.01
N GLU A 165 7.83 11.40 8.93
CA GLU A 165 7.52 10.33 8.00
C GLU A 165 8.76 9.48 7.76
N PRO A 166 8.57 8.18 7.55
CA PRO A 166 9.74 7.31 7.31
C PRO A 166 10.44 7.58 6.00
N TYR A 167 9.71 8.07 4.99
CA TYR A 167 10.30 8.34 3.68
C TYR A 167 11.51 9.26 3.79
N PHE A 168 11.54 10.12 4.80
CA PHE A 168 12.64 11.05 5.01
C PHE A 168 13.71 10.49 5.96
N THR A 169 13.32 9.60 6.87
CA THR A 169 14.24 9.00 7.83
C THR A 169 14.74 7.62 7.40
N TRP A 170 14.14 7.02 6.37
CA TRP A 170 14.58 5.71 5.89
C TRP A 170 15.97 5.71 5.25
N PRO A 171 16.40 6.76 4.52
CA PRO A 171 17.75 6.71 3.92
C PRO A 171 18.86 6.43 4.92
N LEU A 172 18.84 7.11 6.07
CA LEU A 172 19.84 6.85 7.10
C LEU A 172 19.65 5.47 7.73
N ILE A 173 18.40 5.03 7.88
CA ILE A 173 18.14 3.76 8.53
C ILE A 173 18.55 2.60 7.63
N ALA A 174 18.25 2.71 6.33
CA ALA A 174 18.52 1.61 5.41
C ALA A 174 19.97 1.55 4.99
N ALA A 175 20.78 2.55 5.33
CA ALA A 175 22.14 2.65 4.81
C ALA A 175 22.99 1.46 5.22
N ASP A 176 22.95 1.08 6.51
CA ASP A 176 23.81 0.02 7.01
C ASP A 176 23.23 -1.38 6.75
N GLY A 177 22.19 -1.49 5.92
CA GLY A 177 21.67 -2.80 5.57
C GLY A 177 20.21 -3.04 5.88
N GLY A 178 19.47 -1.96 6.16
CA GLY A 178 18.04 -2.09 6.33
C GLY A 178 17.31 -2.06 5.00
N TYR A 179 16.25 -2.85 4.89
CA TYR A 179 15.51 -2.93 3.67
C TYR A 179 14.09 -3.26 4.03
N ALA A 180 13.18 -2.98 3.13
CA ALA A 180 11.81 -3.24 3.41
C ALA A 180 11.48 -4.63 3.05
N PHE A 181 11.53 -4.95 1.78
CA PHE A 181 11.27 -6.28 1.28
C PHE A 181 12.43 -6.66 0.44
N LYS A 182 12.84 -7.91 0.45
CA LYS A 182 13.98 -8.30 -0.31
C LYS A 182 13.68 -8.57 -1.72
N TYR A 183 14.17 -7.72 -2.61
CA TYR A 183 13.99 -7.92 -4.05
C TYR A 183 15.14 -8.79 -4.58
N GLU A 184 14.81 -10.01 -5.00
CA GLU A 184 15.79 -10.89 -5.62
C GLU A 184 15.19 -11.52 -6.86
N ASN A 185 16.05 -11.73 -7.86
CA ASN A 185 15.76 -12.33 -9.16
C ASN A 185 14.38 -11.96 -9.73
N GLY A 186 14.01 -10.68 -9.61
CA GLY A 186 12.88 -10.14 -10.33
C GLY A 186 11.57 -10.03 -9.58
N LYS A 187 11.51 -10.50 -8.33
CA LYS A 187 10.27 -10.42 -7.56
C LYS A 187 10.57 -10.34 -6.07
N TYR A 188 9.60 -9.87 -5.32
CA TYR A 188 9.77 -9.60 -3.90
C TYR A 188 9.39 -10.80 -3.04
N ASP A 189 9.93 -10.82 -1.83
CA ASP A 189 9.66 -11.86 -0.85
C ASP A 189 8.94 -11.22 0.32
N ILE A 190 7.63 -11.49 0.43
CA ILE A 190 6.83 -10.88 1.49
C ILE A 190 7.27 -11.37 2.87
N LYS A 191 7.90 -12.52 2.89
CA LYS A 191 8.43 -13.12 4.09
C LYS A 191 9.67 -12.49 4.69
N ASP A 192 10.56 -12.01 3.83
CA ASP A 192 11.81 -11.44 4.27
C ASP A 192 11.71 -9.98 4.34
N VAL A 193 11.79 -9.41 5.52
CA VAL A 193 11.74 -7.99 5.67
C VAL A 193 12.52 -7.57 6.88
N GLY A 194 13.34 -6.53 6.78
CA GLY A 194 14.05 -6.02 7.93
C GLY A 194 14.44 -4.62 7.60
N VAL A 195 14.22 -3.58 8.40
CA VAL A 195 13.50 -3.43 9.65
C VAL A 195 13.73 -4.04 11.00
N ASP A 196 14.57 -5.00 11.19
CA ASP A 196 14.86 -5.49 12.51
C ASP A 196 16.11 -6.26 12.30
N ASN A 197 17.13 -5.55 11.91
CA ASN A 197 18.40 -6.16 11.65
C ASN A 197 19.43 -5.22 12.14
N ALA A 198 20.69 -5.55 12.08
CA ALA A 198 21.67 -4.68 12.70
C ALA A 198 21.91 -3.40 11.89
N GLY A 199 21.53 -3.39 10.62
CA GLY A 199 21.65 -2.20 9.80
C GLY A 199 20.60 -1.16 10.14
N ALA A 200 19.34 -1.60 10.18
CA ALA A 200 18.26 -0.70 10.60
C ALA A 200 18.48 -0.18 12.00
N LYS A 201 19.08 -1.00 12.88
CA LYS A 201 19.32 -0.56 14.24
C LYS A 201 20.45 0.46 14.30
N ALA A 202 21.56 0.20 13.60
CA ALA A 202 22.69 1.12 13.59
C ALA A 202 22.28 2.48 13.05
N GLY A 203 21.49 2.50 11.97
CA GLY A 203 21.05 3.77 11.42
C GLY A 203 20.09 4.50 12.33
N LEU A 204 19.20 3.76 12.99
CA LEU A 204 18.23 4.44 13.85
C LEU A 204 18.85 4.94 15.14
N THR A 205 19.79 4.17 15.72
CA THR A 205 20.47 4.64 16.92
C THR A 205 21.19 5.96 16.67
N PHE A 206 21.86 6.07 15.52
CA PHE A 206 22.52 7.33 15.18
C PHE A 206 21.51 8.44 14.97
N LEU A 207 20.34 8.11 14.42
CA LEU A 207 19.28 9.11 14.33
C LEU A 207 18.74 9.47 15.71
N VAL A 208 18.54 8.46 16.56
CA VAL A 208 17.93 8.70 17.87
C VAL A 208 18.84 9.57 18.73
N ASP A 209 20.12 9.32 18.66
CA ASP A 209 21.09 10.09 19.40
C ASP A 209 21.23 11.54 18.95
N LEU A 210 21.10 11.80 17.66
CA LEU A 210 21.23 13.16 17.17
C LEU A 210 20.17 13.94 17.85
N ILE A 211 19.00 13.36 17.96
CA ILE A 211 17.92 14.00 18.64
C ILE A 211 18.23 14.09 20.10
N LYS A 212 18.82 13.04 20.64
CA LYS A 212 19.14 12.97 22.05
C LYS A 212 20.08 14.07 22.39
N ASN A 213 21.00 14.33 21.49
CA ASN A 213 22.00 15.36 21.65
C ASN A 213 21.66 16.76 21.21
N LYS A 214 20.47 17.01 20.69
CA LYS A 214 20.06 18.35 20.26
C LYS A 214 20.45 18.81 18.85
N HIS A 215 21.13 17.97 18.11
CA HIS A 215 21.56 18.36 16.79
C HIS A 215 20.40 18.42 15.84
N MET A 216 19.27 17.90 16.30
CA MET A 216 17.99 17.92 15.62
C MET A 216 16.87 17.92 16.64
N ASN A 217 16.03 18.95 16.61
CA ASN A 217 14.82 18.95 17.40
C ASN A 217 13.86 17.88 16.88
N ALA A 218 13.22 17.17 17.80
CA ALA A 218 12.54 15.91 17.49
C ALA A 218 11.13 16.07 16.97
N ASP A 219 10.54 17.25 17.03
CA ASP A 219 9.23 17.49 16.41
C ASP A 219 9.35 18.17 15.07
N THR A 220 10.56 18.26 14.51
CA THR A 220 10.79 18.89 13.22
C THR A 220 9.97 18.21 12.13
N ASP A 221 8.80 18.78 11.83
CA ASP A 221 7.96 18.25 10.77
C ASP A 221 8.47 18.78 9.43
N TYR A 222 7.70 18.55 8.37
CA TYR A 222 8.14 18.96 7.04
C TYR A 222 8.24 20.48 6.93
N SER A 223 7.22 21.19 7.40
CA SER A 223 7.16 22.62 7.18
C SER A 223 8.05 23.39 8.15
N ILE A 224 8.27 22.87 9.36
CA ILE A 224 9.21 23.50 10.28
C ILE A 224 10.61 23.50 9.67
N ALA A 225 10.99 22.39 9.03
CA ALA A 225 12.30 22.31 8.40
C ALA A 225 12.39 23.21 7.19
N GLU A 226 11.35 23.23 6.34
CA GLU A 226 11.37 24.12 5.19
C GLU A 226 11.37 25.59 5.61
N ALA A 227 10.82 25.89 6.79
CA ALA A 227 10.94 27.24 7.33
C ALA A 227 12.39 27.56 7.67
N ALA A 228 13.02 26.71 8.48
CA ALA A 228 14.39 26.98 8.93
C ALA A 228 15.36 27.11 7.76
N PHE A 229 15.24 26.24 6.76
CA PHE A 229 16.18 26.29 5.64
C PHE A 229 15.93 27.51 4.77
N ASN A 230 14.71 27.68 4.31
CA ASN A 230 14.41 28.80 3.44
C ASN A 230 14.54 30.18 4.07
N LYS A 231 14.83 30.22 5.35
CA LYS A 231 15.07 31.48 6.04
C LYS A 231 16.51 31.58 6.53
N GLY A 232 17.38 30.66 6.13
CA GLY A 232 18.78 30.72 6.51
C GLY A 232 19.05 30.41 7.96
N GLU A 233 18.15 29.68 8.61
CA GLU A 233 18.36 29.29 10.00
C GLU A 233 19.05 27.95 10.15
N THR A 234 19.12 27.16 9.08
CA THR A 234 19.72 25.83 9.12
C THR A 234 20.63 25.67 7.92
N ALA A 235 21.75 24.98 8.11
CA ALA A 235 22.73 24.83 7.04
C ALA A 235 22.20 23.96 5.89
N MET A 236 21.48 22.89 6.21
CA MET A 236 21.11 21.95 5.16
C MET A 236 19.84 21.21 5.55
N THR A 237 19.20 20.63 4.53
CA THR A 237 17.98 19.84 4.70
C THR A 237 18.06 18.61 3.79
N ILE A 238 17.07 17.74 3.92
CA ILE A 238 16.92 16.57 3.06
C ILE A 238 15.55 16.65 2.40
N ASN A 239 15.53 16.77 1.08
CA ASN A 239 14.27 16.96 0.37
C ASN A 239 14.45 16.56 -1.09
N GLY A 240 13.35 16.62 -1.84
CA GLY A 240 13.36 16.21 -3.23
C GLY A 240 13.08 17.35 -4.19
N PRO A 241 12.93 17.01 -5.49
CA PRO A 241 12.80 18.05 -6.52
C PRO A 241 11.54 18.89 -6.41
N TRP A 242 10.55 18.46 -5.61
CA TRP A 242 9.35 19.27 -5.43
C TRP A 242 9.65 20.53 -4.63
N ALA A 243 10.50 20.43 -3.62
CA ALA A 243 10.79 21.60 -2.79
C ALA A 243 11.76 22.57 -3.44
N TRP A 244 12.20 22.31 -4.68
CA TRP A 244 13.12 23.24 -5.34
C TRP A 244 12.44 24.55 -5.65
N SER A 245 11.15 24.51 -6.01
CA SER A 245 10.47 25.72 -6.47
C SER A 245 10.39 26.76 -5.35
N ASN A 246 9.97 26.34 -4.16
CA ASN A 246 9.73 27.27 -3.06
C ASN A 246 11.02 27.74 -2.39
N ILE A 247 12.16 27.12 -2.69
CA ILE A 247 13.44 27.64 -2.22
C ILE A 247 14.20 28.38 -3.31
N ASP A 248 13.79 28.24 -4.58
CA ASP A 248 14.24 29.19 -5.61
C ASP A 248 13.74 30.59 -5.31
N THR A 249 12.47 30.72 -4.94
CA THR A 249 11.90 31.99 -4.52
C THR A 249 12.30 32.38 -3.10
N SER A 250 12.77 31.42 -2.30
CA SER A 250 13.26 31.75 -0.96
C SER A 250 14.42 32.73 -1.02
N LYS A 251 15.10 32.81 -2.16
CA LYS A 251 16.20 33.74 -2.39
C LYS A 251 17.42 33.39 -1.57
N VAL A 252 17.71 32.10 -1.40
CA VAL A 252 18.93 31.64 -0.74
C VAL A 252 19.73 30.80 -1.72
N ASN A 253 21.05 30.96 -1.67
CA ASN A 253 21.94 30.25 -2.60
C ASN A 253 22.13 28.83 -2.08
N TYR A 254 21.67 27.85 -2.85
CA TYR A 254 21.67 26.46 -2.42
C TYR A 254 22.28 25.59 -3.50
N GLY A 255 22.53 24.34 -3.11
CA GLY A 255 22.91 23.31 -4.05
C GLY A 255 22.48 21.98 -3.46
N VAL A 256 22.33 20.98 -4.31
CA VAL A 256 21.94 19.65 -3.85
C VAL A 256 22.98 18.66 -4.33
N THR A 257 23.38 17.75 -3.45
CA THR A 257 24.39 16.75 -3.75
C THR A 257 23.97 15.43 -3.12
N VAL A 258 24.90 14.48 -3.07
CA VAL A 258 24.59 13.15 -2.58
C VAL A 258 24.50 13.19 -1.06
N LEU A 259 23.47 12.53 -0.52
CA LEU A 259 23.30 12.41 0.92
C LEU A 259 24.56 11.86 1.56
N PRO A 260 24.83 12.19 2.82
CA PRO A 260 26.04 11.69 3.49
C PRO A 260 26.04 10.17 3.59
N THR A 261 27.21 9.64 3.87
CA THR A 261 27.40 8.20 4.04
C THR A 261 27.41 7.86 5.53
N PHE A 262 26.62 6.85 5.89
CA PHE A 262 26.62 6.31 7.25
C PHE A 262 27.40 5.01 7.26
N LYS A 263 28.37 4.91 8.17
CA LYS A 263 29.19 3.71 8.34
C LYS A 263 29.93 3.37 7.04
N GLY A 264 30.34 4.40 6.32
CA GLY A 264 31.04 4.22 5.06
C GLY A 264 30.19 3.73 3.91
N GLN A 265 28.87 3.67 4.08
CA GLN A 265 27.95 3.14 3.08
C GLN A 265 26.96 4.22 2.65
N PRO A 266 26.56 4.22 1.37
CA PRO A 266 25.70 5.29 0.87
C PRO A 266 24.30 5.23 1.46
N SER A 267 23.75 6.40 1.77
CA SER A 267 22.36 6.48 2.18
C SER A 267 21.46 6.04 1.03
N LYS A 268 20.46 5.21 1.35
CA LYS A 268 19.57 4.67 0.33
C LYS A 268 18.19 5.27 0.44
N PRO A 269 17.85 6.28 -0.36
CA PRO A 269 16.48 6.81 -0.34
C PRO A 269 15.55 5.95 -1.18
N PHE A 270 14.26 6.05 -0.86
CA PHE A 270 13.26 5.40 -1.69
C PHE A 270 13.19 6.09 -3.03
N VAL A 271 13.25 5.31 -4.11
CA VAL A 271 13.24 5.82 -5.47
C VAL A 271 11.85 5.62 -6.06
N GLY A 272 11.27 6.69 -6.58
CA GLY A 272 10.01 6.64 -7.31
C GLY A 272 10.27 6.78 -8.80
N VAL A 273 9.58 5.96 -9.59
CA VAL A 273 9.69 5.99 -11.05
C VAL A 273 8.32 6.33 -11.62
N LEU A 274 8.22 7.50 -12.25
CA LEU A 274 7.04 7.78 -13.06
C LEU A 274 7.05 6.88 -14.28
N SER A 275 5.95 6.16 -14.50
CA SER A 275 5.92 5.14 -15.53
C SER A 275 4.61 5.20 -16.30
N ALA A 276 4.65 4.70 -17.53
CA ALA A 276 3.48 4.63 -18.40
C ALA A 276 3.11 3.17 -18.60
N GLY A 277 1.91 2.79 -18.16
CA GLY A 277 1.44 1.44 -18.37
C GLY A 277 0.41 1.37 -19.47
N ILE A 278 0.21 0.20 -20.07
CA ILE A 278 -0.74 0.02 -21.16
C ILE A 278 -1.93 -0.77 -20.63
N ASN A 279 -3.14 -0.28 -20.92
CA ASN A 279 -4.35 -0.90 -20.40
C ASN A 279 -4.52 -2.30 -20.98
N ALA A 280 -4.84 -3.26 -20.10
CA ALA A 280 -4.99 -4.65 -20.52
C ALA A 280 -6.17 -4.80 -21.47
N ALA A 281 -7.27 -4.12 -21.17
CA ALA A 281 -8.49 -4.21 -21.96
C ALA A 281 -8.57 -3.06 -22.97
N SER A 282 -7.55 -2.99 -23.80
CA SER A 282 -7.44 -1.88 -24.73
C SER A 282 -7.30 -2.40 -26.16
N PRO A 283 -7.94 -1.74 -27.12
CA PRO A 283 -7.74 -2.14 -28.52
C PRO A 283 -6.34 -1.88 -29.03
N ASN A 284 -5.66 -0.86 -28.50
CA ASN A 284 -4.57 -0.20 -29.20
C ASN A 284 -3.19 -0.46 -28.61
N LYS A 285 -3.04 -1.52 -27.86
CA LYS A 285 -1.77 -1.89 -27.26
C LYS A 285 -0.71 -1.90 -28.34
N GLU A 286 -1.09 -2.42 -29.48
CA GLU A 286 -0.25 -2.54 -30.66
C GLU A 286 0.39 -1.20 -31.01
N LEU A 287 -0.43 -0.14 -31.07
CA LEU A 287 0.02 1.19 -31.47
C LEU A 287 0.50 2.04 -30.29
N ALA A 288 0.04 1.77 -29.08
CA ALA A 288 0.54 2.46 -27.89
C ALA A 288 2.02 2.22 -27.67
N LYS A 289 2.57 1.09 -28.14
CA LYS A 289 3.97 0.80 -27.91
C LYS A 289 4.89 1.77 -28.66
N GLU A 290 4.72 1.87 -29.98
CA GLU A 290 5.62 2.72 -30.75
C GLU A 290 5.39 4.20 -30.49
N PHE A 291 4.22 4.58 -29.97
CA PHE A 291 4.08 5.95 -29.47
C PHE A 291 5.02 6.18 -28.30
N LEU A 292 5.15 5.20 -27.41
CA LEU A 292 6.03 5.37 -26.26
C LEU A 292 7.49 5.11 -26.62
N GLU A 293 7.77 4.08 -27.41
CA GLU A 293 9.16 3.71 -27.67
C GLU A 293 9.86 4.70 -28.57
N ASN A 294 9.23 5.07 -29.69
CA ASN A 294 9.91 5.82 -30.75
C ASN A 294 9.35 7.22 -30.94
N TYR A 295 8.62 7.75 -29.96
CA TYR A 295 8.25 9.17 -29.97
C TYR A 295 8.35 9.80 -28.58
N LEU A 296 7.70 9.22 -27.59
CA LEU A 296 7.77 9.81 -26.25
C LEU A 296 9.14 9.61 -25.62
N LEU A 297 9.71 8.41 -25.74
CA LEU A 297 10.95 8.07 -25.05
C LEU A 297 12.18 8.35 -25.89
N THR A 298 12.17 9.42 -26.68
CA THR A 298 13.36 9.94 -27.32
C THR A 298 13.80 11.19 -26.55
N ASP A 299 14.89 11.81 -27.02
CA ASP A 299 15.22 13.14 -26.53
C ASP A 299 14.15 14.15 -26.92
N GLU A 300 13.35 13.83 -27.93
CA GLU A 300 12.39 14.80 -28.47
C GLU A 300 11.11 14.81 -27.65
N GLY A 301 10.57 13.63 -27.35
CA GLY A 301 9.35 13.56 -26.57
C GLY A 301 9.54 13.92 -25.11
N LEU A 302 10.73 13.67 -24.57
CA LEU A 302 10.96 13.96 -23.16
C LEU A 302 11.27 15.44 -22.94
N GLU A 303 12.10 16.03 -23.80
CA GLU A 303 12.32 17.47 -23.71
C GLU A 303 11.03 18.23 -23.98
N ALA A 304 10.09 17.63 -24.70
CA ALA A 304 8.76 18.23 -24.84
C ALA A 304 8.03 18.26 -23.51
N VAL A 305 7.96 17.12 -22.82
CA VAL A 305 7.28 17.08 -21.53
C VAL A 305 8.06 17.85 -20.48
N ASN A 306 9.40 17.81 -20.56
CA ASN A 306 10.19 18.46 -19.53
C ASN A 306 10.23 19.98 -19.71
N LYS A 307 10.18 20.48 -20.95
CA LYS A 307 10.05 21.91 -21.19
C LYS A 307 8.72 22.45 -20.67
N ASP A 308 7.73 21.57 -20.50
CA ASP A 308 6.46 21.95 -19.91
C ASP A 308 6.60 22.11 -18.40
N LYS A 309 6.72 20.98 -17.69
CA LYS A 309 6.97 20.91 -16.27
C LYS A 309 8.07 19.89 -16.08
N PRO A 310 9.05 20.16 -15.22
CA PRO A 310 10.26 19.33 -15.18
C PRO A 310 9.96 17.89 -14.76
N LEU A 311 10.47 16.94 -15.53
CA LEU A 311 10.43 15.53 -15.18
C LEU A 311 11.48 15.15 -14.15
N GLY A 312 12.14 16.13 -13.53
CA GLY A 312 13.29 15.81 -12.68
C GLY A 312 14.36 15.15 -13.52
N ALA A 313 14.92 14.06 -13.00
CA ALA A 313 15.82 13.21 -13.77
C ALA A 313 15.02 12.14 -14.49
N VAL A 314 15.43 11.84 -15.71
CA VAL A 314 14.68 10.93 -16.59
C VAL A 314 15.40 9.60 -16.70
N ALA A 315 14.63 8.56 -17.00
CA ALA A 315 15.18 7.21 -17.11
C ALA A 315 15.96 7.00 -18.40
N LEU A 316 15.62 7.72 -19.46
CA LEU A 316 16.32 7.59 -20.73
C LEU A 316 17.75 8.11 -20.58
N LYS A 317 18.73 7.24 -20.85
CA LYS A 317 20.13 7.62 -20.71
C LYS A 317 20.48 8.80 -21.61
N SER A 318 19.87 8.86 -22.79
CA SER A 318 20.23 9.88 -23.77
C SER A 318 19.97 11.29 -23.24
N TYR A 319 18.71 11.57 -22.87
CA TYR A 319 18.33 12.90 -22.42
C TYR A 319 18.78 13.16 -20.98
N GLU A 320 19.10 12.11 -20.21
CA GLU A 320 19.53 12.31 -18.83
C GLU A 320 20.84 13.07 -18.77
N GLU A 321 21.84 12.61 -19.52
CA GLU A 321 23.12 13.31 -19.58
C GLU A 321 22.94 14.77 -19.99
N GLU A 322 22.03 15.01 -20.92
CA GLU A 322 21.64 16.38 -21.25
C GLU A 322 21.22 17.16 -20.01
N LEU A 323 20.32 16.58 -19.21
CA LEU A 323 19.85 17.25 -18.01
C LEU A 323 20.87 17.23 -16.88
N ALA A 324 21.84 16.30 -16.92
CA ALA A 324 22.79 16.15 -15.84
C ALA A 324 23.68 17.37 -15.65
N LYS A 325 23.79 18.23 -16.66
CA LYS A 325 24.55 19.47 -16.47
C LYS A 325 23.87 20.42 -15.52
N ASP A 326 22.66 20.09 -15.07
CA ASP A 326 22.13 20.66 -13.84
C ASP A 326 22.75 19.91 -12.67
N PRO A 327 23.52 20.58 -11.81
CA PRO A 327 24.08 19.87 -10.63
C PRO A 327 23.00 19.27 -9.75
N ARG A 328 21.75 19.74 -9.86
CA ARG A 328 20.68 19.21 -9.04
C ARG A 328 20.08 17.94 -9.62
N ILE A 329 19.87 17.91 -10.94
CA ILE A 329 19.36 16.71 -11.58
C ILE A 329 20.40 15.59 -11.53
N ALA A 330 21.69 15.96 -11.58
CA ALA A 330 22.75 14.97 -11.47
C ALA A 330 22.82 14.34 -10.09
N ALA A 331 22.27 15.00 -9.06
CA ALA A 331 22.29 14.51 -7.68
C ALA A 331 21.06 13.67 -7.35
N THR A 332 19.86 14.15 -7.67
CA THR A 332 18.69 13.30 -7.49
C THR A 332 18.82 12.02 -8.30
N MET A 333 19.60 12.06 -9.38
CA MET A 333 19.89 10.83 -10.13
C MET A 333 20.89 9.95 -9.40
N GLU A 334 21.94 10.54 -8.82
CA GLU A 334 22.97 9.74 -8.15
C GLU A 334 22.40 9.02 -6.92
N ASN A 335 21.62 9.73 -6.10
CA ASN A 335 20.98 9.07 -4.96
C ASN A 335 20.02 8.00 -5.43
N ALA A 336 19.34 8.23 -6.55
CA ALA A 336 18.43 7.22 -7.10
C ALA A 336 19.17 5.92 -7.40
N GLN A 337 20.39 6.02 -7.92
CA GLN A 337 21.16 4.82 -8.24
C GLN A 337 21.58 4.09 -6.97
N LYS A 338 22.13 4.82 -6.01
CA LYS A 338 22.43 4.20 -4.71
C LYS A 338 21.20 3.92 -3.88
N GLY A 339 19.98 4.10 -4.40
CA GLY A 339 18.79 4.07 -3.60
C GLY A 339 18.11 2.71 -3.58
N GLU A 340 16.90 2.71 -3.04
CA GLU A 340 16.07 1.52 -2.89
C GLU A 340 14.79 1.75 -3.67
N ILE A 341 14.62 1.02 -4.77
CA ILE A 341 13.39 1.15 -5.55
C ILE A 341 12.22 0.72 -4.68
N MET A 342 11.27 1.62 -4.50
CA MET A 342 10.16 1.38 -3.60
C MET A 342 9.32 0.19 -4.05
N PRO A 343 9.13 -0.83 -3.22
CA PRO A 343 8.37 -2.01 -3.64
C PRO A 343 6.93 -1.66 -4.01
N ASN A 344 6.43 -2.30 -5.05
CA ASN A 344 5.11 -2.03 -5.59
C ASN A 344 4.07 -3.07 -5.18
N ILE A 345 4.22 -3.66 -4.00
CA ILE A 345 3.30 -4.69 -3.54
C ILE A 345 2.46 -4.13 -2.39
N PRO A 346 1.21 -4.58 -2.24
CA PRO A 346 0.32 -3.96 -1.25
C PRO A 346 0.75 -4.18 0.20
N GLN A 347 1.61 -5.16 0.46
CA GLN A 347 2.08 -5.38 1.83
C GLN A 347 2.92 -4.23 2.35
N MET A 348 3.18 -3.22 1.52
CA MET A 348 3.98 -2.08 1.95
C MET A 348 3.19 -1.10 2.79
N SER A 349 1.86 -1.18 2.79
CA SER A 349 1.07 -0.29 3.63
C SER A 349 1.29 -0.57 5.10
N ALA A 350 1.56 -1.82 5.47
CA ALA A 350 1.98 -2.16 6.82
C ALA A 350 3.40 -1.70 7.11
N PHE A 351 4.23 -1.53 6.08
CA PHE A 351 5.60 -1.08 6.30
C PHE A 351 5.62 0.35 6.82
N TRP A 352 4.86 1.24 6.16
CA TRP A 352 4.82 2.64 6.60
C TRP A 352 4.27 2.78 8.00
N TYR A 353 3.24 2.01 8.35
CA TYR A 353 2.73 2.07 9.71
C TYR A 353 3.77 1.59 10.72
N ALA A 354 4.30 0.38 10.49
CA ALA A 354 5.26 -0.20 11.43
C ALA A 354 6.44 0.73 11.65
N VAL A 355 6.96 1.29 10.58
CA VAL A 355 8.21 2.05 10.67
C VAL A 355 7.96 3.48 11.16
N ARG A 356 6.87 4.11 10.74
CA ARG A 356 6.56 5.45 11.23
C ARG A 356 6.37 5.43 12.74
N THR A 357 5.54 4.50 13.22
CA THR A 357 5.37 4.35 14.66
C THR A 357 6.64 3.89 15.35
N ALA A 358 7.57 3.25 14.61
CA ALA A 358 8.78 2.74 15.22
C ALA A 358 9.89 3.78 15.33
N VAL A 359 9.92 4.77 14.43
CA VAL A 359 10.87 5.86 14.59
C VAL A 359 10.33 6.91 15.55
N ILE A 360 9.01 7.08 15.60
CA ILE A 360 8.39 8.06 16.50
C ILE A 360 8.61 7.66 17.95
N ASN A 361 8.56 6.37 18.25
CA ASN A 361 8.79 5.90 19.61
C ASN A 361 10.27 5.77 19.95
N ALA A 362 11.12 5.46 18.96
CA ALA A 362 12.54 5.33 19.24
C ALA A 362 13.17 6.70 19.47
N ALA A 363 12.77 7.70 18.69
CA ALA A 363 13.35 9.04 18.77
C ALA A 363 12.84 9.84 19.97
N SER A 364 11.63 9.56 20.45
CA SER A 364 11.07 10.28 21.59
C SER A 364 11.68 9.85 22.92
N GLY A 365 12.38 8.72 22.95
CA GLY A 365 12.80 8.12 24.20
C GLY A 365 11.79 7.15 24.78
N ARG A 366 10.69 6.99 24.11
CA ARG A 366 9.67 6.10 24.61
C ARG A 366 10.04 4.64 24.47
N GLN A 367 10.95 4.31 23.58
CA GLN A 367 11.32 2.94 23.34
C GLN A 367 12.79 2.84 22.95
N THR A 368 13.35 1.66 23.20
CA THR A 368 14.66 1.29 22.69
C THR A 368 14.57 0.97 21.20
N VAL A 369 15.66 1.17 20.47
CA VAL A 369 15.63 0.89 19.04
C VAL A 369 15.50 -0.61 18.79
N ASP A 370 16.00 -1.46 19.69
CA ASP A 370 15.62 -2.87 19.63
C ASP A 370 14.15 -3.05 19.96
N GLU A 371 13.65 -2.34 20.93
CA GLU A 371 12.26 -2.45 21.27
C GLU A 371 11.39 -1.94 20.19
N ALA A 372 11.69 -0.78 19.67
CA ALA A 372 10.85 -0.19 18.64
C ALA A 372 10.85 -1.03 17.37
N LEU A 373 12.04 -1.45 16.93
CA LEU A 373 12.16 -2.13 15.65
C LEU A 373 11.65 -3.57 15.73
N ALA A 374 11.95 -4.27 16.83
CA ALA A 374 11.37 -5.60 17.02
C ALA A 374 9.85 -5.53 17.04
N ALA A 375 9.30 -4.44 17.55
CA ALA A 375 7.85 -4.22 17.48
C ALA A 375 7.39 -4.01 16.04
N ALA A 376 8.14 -3.23 15.27
CA ALA A 376 7.82 -3.04 13.86
C ALA A 376 7.84 -4.36 13.11
N GLN A 377 8.87 -5.18 13.36
CA GLN A 377 8.95 -6.52 12.79
C GLN A 377 7.67 -7.31 13.03
N THR A 378 7.26 -7.43 14.28
CA THR A 378 6.11 -8.27 14.62
C THR A 378 4.82 -7.75 14.00
N HIS A 379 4.67 -6.43 13.85
CA HIS A 379 3.51 -5.90 13.15
C HIS A 379 3.50 -6.36 11.70
N MET A 380 4.67 -6.46 11.08
CA MET A 380 4.75 -6.95 9.71
C MET A 380 4.45 -8.44 9.63
N ASP A 381 4.98 -9.22 10.58
CA ASP A 381 4.63 -10.63 10.66
C ASP A 381 3.14 -10.80 10.91
N PHE A 382 2.55 -9.86 11.65
CA PHE A 382 1.12 -9.93 11.94
C PHE A 382 0.29 -9.60 10.72
N SER A 383 0.68 -8.55 9.97
CA SER A 383 -0.09 -8.18 8.80
C SER A 383 0.11 -9.19 7.66
N ARG A 384 1.31 -9.77 7.57
CA ARG A 384 1.53 -10.81 6.58
C ARG A 384 0.72 -12.06 6.89
N ASN A 385 0.51 -12.36 8.17
CA ASN A 385 -0.25 -13.55 8.54
C ASN A 385 -1.72 -13.41 8.16
N LEU A 386 -2.27 -12.21 8.30
CA LEU A 386 -3.66 -11.98 7.87
C LEU A 386 -3.80 -12.16 6.37
N TYR A 387 -2.81 -11.68 5.60
CA TYR A 387 -2.72 -12.02 4.18
C TYR A 387 -2.77 -13.53 3.96
N ASP A 388 -1.78 -14.24 4.51
CA ASP A 388 -1.67 -15.68 4.29
C ASP A 388 -2.93 -16.41 4.70
N ILE A 389 -3.65 -15.89 5.69
CA ILE A 389 -4.91 -16.52 6.12
C ILE A 389 -6.02 -16.22 5.11
N GLY A 390 -6.21 -14.95 4.77
CA GLY A 390 -7.28 -14.58 3.87
C GLY A 390 -7.14 -15.22 2.50
N GLU A 391 -5.92 -15.55 2.10
CA GLU A 391 -5.67 -16.18 0.81
C GLU A 391 -6.12 -17.64 0.78
N GLN A 392 -6.36 -18.25 1.95
CA GLN A 392 -6.87 -19.61 2.05
C GLN A 392 -8.38 -19.66 2.27
N LEU A 393 -9.04 -18.52 2.33
CA LEU A 393 -10.48 -18.45 2.58
C LEU A 393 -11.19 -18.22 1.25
N ASP A 394 -11.76 -19.30 0.70
CA ASP A 394 -12.51 -19.19 -0.54
C ASP A 394 -13.79 -18.37 -0.32
N SER A 395 -14.49 -18.10 -1.41
CA SER A 395 -15.56 -17.11 -1.38
C SER A 395 -16.75 -17.54 -0.53
N GLU A 396 -16.95 -18.85 -0.31
CA GLU A 396 -18.05 -19.26 0.56
C GLU A 396 -17.71 -19.00 2.03
N ASP A 397 -16.48 -19.33 2.44
CA ASP A 397 -16.05 -19.05 3.81
C ASP A 397 -16.19 -17.57 4.14
N LEU A 398 -16.01 -16.69 3.15
CA LEU A 398 -16.25 -15.27 3.37
C LEU A 398 -17.73 -14.99 3.68
N ALA A 399 -18.64 -15.64 2.94
CA ALA A 399 -20.05 -15.43 3.22
C ALA A 399 -20.41 -15.91 4.63
N SER A 400 -19.79 -17.00 5.08
CA SER A 400 -20.01 -17.48 6.44
C SER A 400 -19.40 -16.54 7.46
N LEU A 401 -18.17 -16.08 7.23
CA LEU A 401 -17.52 -15.18 8.16
C LEU A 401 -18.22 -13.83 8.25
N LYS A 402 -18.85 -13.38 7.15
CA LYS A 402 -19.58 -12.13 7.21
C LYS A 402 -20.85 -12.26 8.04
N PHE A 403 -21.52 -13.42 7.96
CA PHE A 403 -22.72 -13.61 8.77
C PHE A 403 -22.38 -13.71 10.25
N LEU A 404 -21.29 -14.39 10.58
CA LEU A 404 -20.89 -14.52 11.97
C LEU A 404 -20.40 -13.18 12.54
N SER A 405 -19.83 -12.33 11.69
CA SER A 405 -19.35 -11.03 12.15
C SER A 405 -20.43 -9.96 12.17
N LEU A 406 -21.67 -10.31 11.83
CA LEU A 406 -22.72 -9.29 11.73
C LEU A 406 -22.98 -8.60 13.05
N ASP A 407 -22.87 -9.32 14.17
CA ASP A 407 -23.13 -8.72 15.47
C ASP A 407 -22.24 -7.51 15.71
N TYR A 408 -21.01 -7.54 15.21
CA TYR A 408 -20.00 -6.54 15.54
C TYR A 408 -19.62 -5.63 14.38
N ILE A 409 -19.68 -6.08 13.15
CA ILE A 409 -19.49 -5.21 11.98
C ILE A 409 -20.85 -4.87 11.42
N PRO A 410 -21.23 -3.61 11.35
CA PRO A 410 -22.41 -3.20 10.59
C PRO A 410 -22.39 -3.76 9.17
N GLN A 411 -23.45 -4.47 8.76
CA GLN A 411 -23.56 -4.86 7.36
C GLN A 411 -23.86 -3.65 6.48
N ARG A 412 -23.96 -2.49 7.08
CA ARG A 412 -24.14 -1.32 6.25
C ARG A 412 -22.84 -1.30 5.48
N LYS A 413 -21.74 -1.04 6.16
CA LYS A 413 -20.50 -0.93 5.40
C LYS A 413 -20.06 -2.26 4.80
N GLN A 414 -20.92 -3.27 4.72
CA GLN A 414 -20.53 -4.54 4.13
C GLN A 414 -20.82 -4.61 2.63
N GLU A 415 -21.28 -3.51 2.04
CA GLU A 415 -21.16 -3.37 0.59
C GLU A 415 -19.70 -3.37 0.15
N PRO A 416 -18.81 -2.54 0.70
CA PRO A 416 -17.42 -2.53 0.20
C PRO A 416 -16.62 -3.80 0.48
N ILE A 417 -17.12 -4.73 1.30
CA ILE A 417 -16.33 -5.91 1.65
C ILE A 417 -16.28 -6.86 0.46
N LYS A 418 -15.07 -7.26 0.06
CA LYS A 418 -14.86 -7.94 -1.20
C LYS A 418 -14.08 -9.24 -1.04
N ASP A 419 -13.19 -9.30 -0.06
CA ASP A 419 -12.42 -10.50 0.21
C ASP A 419 -12.15 -10.62 1.70
N ALA A 420 -11.61 -11.77 2.10
CA ALA A 420 -11.42 -12.07 3.51
C ALA A 420 -10.53 -11.05 4.20
N LEU A 421 -9.48 -10.60 3.50
CA LEU A 421 -8.56 -9.63 4.10
C LEU A 421 -9.28 -8.34 4.48
N MET A 422 -10.16 -7.85 3.60
CA MET A 422 -10.91 -6.65 3.92
C MET A 422 -11.76 -6.83 5.17
N LEU A 423 -12.33 -8.02 5.34
CA LEU A 423 -13.08 -8.30 6.56
C LEU A 423 -12.17 -8.21 7.78
N PHE A 424 -10.93 -8.70 7.66
CA PHE A 424 -9.99 -8.64 8.76
C PHE A 424 -9.61 -7.19 9.07
N GLN A 425 -9.50 -6.37 8.03
CA GLN A 425 -9.12 -4.96 8.22
C GLN A 425 -10.28 -4.17 8.82
N ARG A 426 -11.51 -4.49 8.43
CA ARG A 426 -12.68 -3.91 9.06
C ARG A 426 -12.72 -4.21 10.55
N LEU A 427 -12.30 -5.42 10.94
CA LEU A 427 -12.25 -5.77 12.36
C LEU A 427 -11.15 -5.01 13.10
N GLN A 428 -10.02 -4.75 12.46
CA GLN A 428 -8.98 -3.96 13.10
C GLN A 428 -9.49 -2.56 13.41
N GLU A 429 -10.21 -1.96 12.45
CA GLU A 429 -10.92 -0.71 12.62
C GLU A 429 -11.72 -0.66 13.92
N LYS A 430 -12.65 -1.61 14.09
CA LYS A 430 -13.46 -1.63 15.30
C LYS A 430 -12.77 -2.42 16.41
N ARG A 431 -11.44 -2.50 16.30
CA ARG A 431 -10.56 -2.90 17.41
C ARG A 431 -11.02 -4.17 18.10
N MET A 432 -11.49 -5.15 17.32
CA MET A 432 -11.73 -6.48 17.83
C MET A 432 -10.73 -7.49 17.29
N LEU A 433 -9.96 -7.12 16.28
CA LEU A 433 -8.82 -7.91 15.81
C LEU A 433 -7.59 -7.01 15.86
N GLU A 434 -6.64 -7.34 16.72
CA GLU A 434 -5.40 -6.59 16.75
C GLU A 434 -4.26 -7.52 17.11
N GLU A 435 -3.05 -6.99 16.98
CA GLU A 435 -1.79 -7.66 17.23
C GLU A 435 -1.81 -8.47 18.53
N SER A 436 -2.45 -7.91 19.55
CA SER A 436 -2.48 -8.48 20.90
C SER A 436 -3.80 -9.16 21.22
N ASN A 437 -4.70 -9.31 20.25
CA ASN A 437 -6.04 -9.80 20.54
C ASN A 437 -6.53 -10.64 19.34
N LEU A 438 -6.07 -11.89 19.30
CA LEU A 438 -6.44 -12.82 18.24
C LEU A 438 -7.71 -13.61 18.53
N SER A 439 -8.34 -13.37 19.68
CA SER A 439 -9.36 -14.28 20.19
C SER A 439 -10.58 -14.35 19.28
N PHE A 440 -10.96 -13.22 18.67
CA PHE A 440 -12.13 -13.23 17.80
C PHE A 440 -11.84 -13.96 16.49
N LEU A 441 -10.70 -13.65 15.88
CA LEU A 441 -10.30 -14.33 14.65
C LEU A 441 -10.20 -15.84 14.84
N LYS A 442 -9.62 -16.27 15.97
CA LYS A 442 -9.56 -17.70 16.27
C LYS A 442 -10.95 -18.31 16.35
N GLU A 443 -11.89 -17.60 16.98
CA GLU A 443 -13.25 -18.12 17.10
C GLU A 443 -13.94 -18.19 15.74
N LEU A 444 -13.67 -17.22 14.87
CA LEU A 444 -14.29 -17.19 13.55
C LEU A 444 -13.89 -18.42 12.73
N LEU A 445 -12.59 -18.68 12.63
CA LEU A 445 -12.13 -19.83 11.88
C LEU A 445 -12.64 -21.13 12.50
N PHE A 446 -12.66 -21.20 13.83
CA PHE A 446 -13.17 -22.39 14.50
C PHE A 446 -14.65 -22.62 14.19
N ARG A 447 -15.45 -21.54 14.18
CA ARG A 447 -16.87 -21.67 13.86
C ARG A 447 -17.08 -22.26 12.48
N ILE A 448 -16.28 -21.82 11.50
CA ILE A 448 -16.46 -22.23 10.10
C ILE A 448 -15.62 -23.46 9.79
N ASN A 449 -15.09 -24.11 10.83
CA ASN A 449 -14.48 -25.43 10.74
C ASN A 449 -13.19 -25.42 9.91
N ARG A 450 -12.45 -24.32 9.94
CA ARG A 450 -11.15 -24.25 9.26
C ARG A 450 -10.02 -24.53 10.24
N LEU A 451 -10.05 -25.73 10.82
CA LEU A 451 -9.06 -26.13 11.80
C LEU A 451 -7.67 -26.27 11.19
N ASP A 452 -7.57 -26.46 9.87
CA ASP A 452 -6.26 -26.51 9.23
C ASP A 452 -5.55 -25.17 9.34
N LEU A 453 -6.30 -24.06 9.16
CA LEU A 453 -5.72 -22.74 9.27
C LEU A 453 -5.42 -22.38 10.71
N LEU A 454 -6.17 -22.93 11.66
CA LEU A 454 -5.96 -22.59 13.07
C LEU A 454 -4.65 -23.19 13.58
N ILE A 455 -4.30 -24.38 13.11
CA ILE A 455 -3.03 -24.97 13.50
C ILE A 455 -1.87 -24.35 12.72
N THR A 456 -2.08 -24.07 11.44
CA THR A 456 -0.98 -23.70 10.55
C THR A 456 -0.53 -22.27 10.77
N TYR A 457 -1.47 -21.34 10.99
CA TYR A 457 -1.15 -19.93 11.07
C TYR A 457 -1.38 -19.34 12.46
N LEU A 458 -1.91 -20.11 13.40
CA LEU A 458 -2.28 -19.60 14.71
C LEU A 458 -1.90 -20.51 15.86
N ASN A 459 -1.34 -21.69 15.59
CA ASN A 459 -0.83 -22.59 16.62
C ASN A 459 -1.89 -22.93 17.67
N THR A 460 -3.05 -23.36 17.21
CA THR A 460 -4.18 -23.60 18.09
C THR A 460 -4.83 -24.94 17.77
N ARG A 461 -4.69 -25.89 18.69
CA ARG A 461 -5.32 -27.21 18.56
C ARG A 461 -6.84 -27.09 18.58
N LYS A 462 -7.50 -28.19 18.22
CA LYS A 462 -8.96 -28.18 18.19
C LYS A 462 -9.55 -28.22 19.59
N GLU A 463 -9.00 -29.07 20.47
CA GLU A 463 -9.52 -29.13 21.83
C GLU A 463 -9.31 -27.81 22.56
N GLU A 464 -8.27 -27.06 22.20
CA GLU A 464 -7.99 -25.81 22.90
C GLU A 464 -9.08 -24.78 22.61
N MET A 465 -9.53 -24.69 21.36
CA MET A 465 -10.67 -23.82 21.04
C MET A 465 -11.96 -24.39 21.60
N GLU A 466 -12.18 -25.69 21.41
CA GLU A 466 -13.31 -26.36 22.06
C GLU A 466 -13.39 -25.91 23.51
N ARG A 467 -12.25 -25.83 24.17
CA ARG A 467 -12.20 -25.59 25.59
C ARG A 467 -11.94 -24.11 25.94
N GLU A 468 -11.67 -23.26 24.95
CA GLU A 468 -11.70 -21.81 25.14
C GLU A 468 -13.13 -21.27 25.30
N LEU A 469 -14.12 -21.91 24.66
CA LEU A 469 -15.45 -21.32 24.49
C LEU A 469 -16.51 -21.79 25.48
N GLN A 470 -16.31 -22.90 26.19
CA GLN A 470 -17.05 -23.14 27.43
C GLN A 470 -16.68 -22.18 28.56
N THR A 471 -15.46 -21.66 28.59
CA THR A 471 -15.15 -20.73 29.66
C THR A 471 -16.06 -19.51 29.50
N PRO A 472 -16.81 -19.13 30.54
CA PRO A 472 -17.94 -18.21 30.35
C PRO A 472 -17.51 -16.82 29.91
N GLY A 473 -18.34 -16.21 29.06
CA GLY A 473 -18.07 -14.87 28.60
C GLY A 473 -16.83 -14.74 27.74
N ARG A 474 -16.31 -15.86 27.23
CA ARG A 474 -15.13 -15.88 26.38
C ARG A 474 -15.52 -15.88 24.92
N ALA A 475 -16.48 -16.74 24.55
CA ALA A 475 -17.01 -16.74 23.20
C ALA A 475 -17.80 -15.47 22.94
N GLN A 476 -17.47 -14.79 21.84
CA GLN A 476 -18.07 -13.50 21.51
C GLN A 476 -19.26 -13.64 20.57
N ILE A 477 -19.12 -14.43 19.50
CA ILE A 477 -20.23 -14.69 18.59
C ILE A 477 -21.39 -15.28 19.38
N SER A 478 -22.51 -14.56 19.42
CA SER A 478 -23.65 -14.98 20.20
C SER A 478 -24.19 -16.32 19.71
N ALA A 479 -24.65 -17.15 20.65
CA ALA A 479 -25.17 -18.47 20.31
C ALA A 479 -26.31 -18.39 19.31
N TYR A 480 -27.06 -17.29 19.34
CA TYR A 480 -28.10 -17.07 18.33
C TYR A 480 -27.51 -17.01 16.93
N ARG A 481 -26.34 -16.38 16.78
CA ARG A 481 -25.65 -16.39 15.49
C ARG A 481 -25.16 -17.80 15.15
N VAL A 482 -24.53 -18.47 16.12
CA VAL A 482 -24.00 -19.81 15.88
C VAL A 482 -25.12 -20.80 15.60
N MET A 483 -26.30 -20.59 16.17
CA MET A 483 -27.44 -21.47 15.92
C MET A 483 -27.89 -21.38 14.46
N LEU A 484 -27.98 -20.16 13.93
CA LEU A 484 -28.45 -19.99 12.56
C LEU A 484 -27.43 -20.51 11.54
N TYR A 485 -26.14 -20.32 11.83
CA TYR A 485 -25.11 -20.80 10.91
C TYR A 485 -25.10 -22.32 10.83
N GLN A 486 -25.25 -23.00 11.97
CA GLN A 486 -25.29 -24.47 11.96
C GLN A 486 -26.52 -24.99 11.22
N ILE A 487 -27.57 -24.18 11.12
CA ILE A 487 -28.76 -24.60 10.36
C ILE A 487 -28.52 -24.45 8.87
N SER A 488 -27.92 -23.33 8.45
CA SER A 488 -27.58 -23.15 7.05
C SER A 488 -26.57 -24.18 6.56
N GLU A 489 -25.91 -24.89 7.47
CA GLU A 489 -24.89 -25.86 7.10
C GLU A 489 -25.49 -27.21 6.75
N GLU A 490 -26.64 -27.56 7.34
CA GLU A 490 -27.32 -28.82 7.10
C GLU A 490 -28.43 -28.69 6.07
N VAL A 491 -28.40 -27.64 5.25
CA VAL A 491 -29.45 -27.34 4.29
C VAL A 491 -28.83 -27.22 2.91
N SER A 492 -29.28 -28.04 1.98
CA SER A 492 -28.68 -28.09 0.64
C SER A 492 -29.42 -27.18 -0.33
N ARG A 493 -28.90 -27.10 -1.53
CA ARG A 493 -29.54 -26.27 -2.52
C ARG A 493 -30.97 -26.73 -2.68
N SER A 494 -31.21 -28.03 -2.72
CA SER A 494 -32.57 -28.52 -2.90
C SER A 494 -33.37 -28.47 -1.60
N GLU A 495 -32.72 -28.74 -0.47
CA GLU A 495 -33.37 -28.49 0.83
C GLU A 495 -33.70 -27.03 1.02
N LEU A 496 -33.02 -26.13 0.29
CA LEU A 496 -33.34 -24.71 0.39
C LEU A 496 -34.53 -24.34 -0.49
N ARG A 497 -34.62 -24.94 -1.69
CA ARG A 497 -35.83 -24.76 -2.50
C ARG A 497 -37.07 -25.22 -1.76
N SER A 498 -36.92 -26.09 -0.75
CA SER A 498 -38.03 -26.37 0.16
C SER A 498 -38.27 -25.18 1.09
N PHE A 499 -37.21 -24.70 1.75
CA PHE A 499 -37.35 -23.57 2.66
C PHE A 499 -37.94 -22.35 1.96
N LYS A 500 -37.51 -22.09 0.73
CA LYS A 500 -37.96 -20.90 0.01
C LYS A 500 -39.49 -20.89 -0.15
N GLY A 501 -40.05 -22.00 -0.62
CA GLY A 501 -41.47 -22.11 -0.92
C GLY A 501 -42.28 -22.64 0.26
N GLY A 502 -41.66 -23.11 1.34
CA GLY A 502 -42.36 -23.46 2.56
C GLY A 502 -42.42 -22.30 3.55
N LEU A 503 -41.95 -21.12 3.17
CA LEU A 503 -42.18 -19.91 3.92
C LEU A 503 -42.92 -18.84 3.12
N GLN A 504 -42.87 -18.90 1.79
CA GLN A 504 -43.90 -18.26 0.98
C GLN A 504 -45.28 -18.82 1.31
N GLU A 505 -45.34 -20.03 1.83
CA GLU A 505 -46.62 -20.54 2.23
C GLU A 505 -47.06 -19.59 3.31
N GLU A 506 -46.11 -19.11 4.12
CA GLU A 506 -46.39 -18.15 5.17
C GLU A 506 -46.41 -16.71 4.63
N ILE A 507 -46.66 -15.75 5.51
CA ILE A 507 -46.75 -14.36 5.11
C ILE A 507 -45.44 -13.66 4.71
N SER A 508 -45.56 -12.86 3.64
CA SER A 508 -44.47 -12.10 3.03
C SER A 508 -44.78 -10.60 3.15
N LYS A 509 -43.95 -9.81 3.85
CA LYS A 509 -42.72 -10.18 4.58
C LYS A 509 -41.57 -10.82 3.81
N CYS A 510 -41.47 -10.60 2.48
CA CYS A 510 -40.28 -10.91 1.69
C CYS A 510 -40.40 -10.71 0.18
N LYS A 511 -39.33 -10.16 -0.40
CA LYS A 511 -38.96 -10.39 -1.79
C LYS A 511 -37.88 -11.46 -1.79
N LEU A 512 -38.18 -12.62 -2.36
CA LEU A 512 -37.18 -13.67 -2.40
C LEU A 512 -36.79 -13.87 -3.82
N ASP A 513 -35.96 -14.87 -4.07
CA ASP A 513 -35.51 -15.18 -5.42
C ASP A 513 -34.46 -16.28 -5.40
N ASP A 514 -34.08 -16.76 -6.57
CA ASP A 514 -33.09 -17.83 -6.64
C ASP A 514 -31.65 -17.32 -6.51
N ASP A 515 -31.48 -16.15 -5.93
CA ASP A 515 -30.14 -15.59 -5.74
C ASP A 515 -29.73 -15.52 -4.28
N MET A 516 -30.59 -15.98 -3.37
CA MET A 516 -30.40 -15.83 -1.94
C MET A 516 -30.12 -17.18 -1.31
N ASN A 517 -29.00 -17.29 -0.59
CA ASN A 517 -28.79 -18.47 0.23
C ASN A 517 -29.59 -18.35 1.52
N LEU A 518 -29.66 -19.46 2.27
CA LEU A 518 -30.47 -19.47 3.48
C LEU A 518 -30.00 -18.43 4.49
N LEU A 519 -28.72 -18.06 4.45
CA LEU A 519 -28.23 -17.00 5.33
C LEU A 519 -28.78 -15.63 4.91
N ASP A 520 -28.86 -15.37 3.61
CA ASP A 520 -29.52 -14.16 3.12
C ASP A 520 -31.01 -14.16 3.45
N ILE A 521 -31.58 -15.33 3.71
CA ILE A 521 -32.99 -15.40 4.12
C ILE A 521 -33.13 -15.08 5.60
N PHE A 522 -32.15 -15.45 6.42
CA PHE A 522 -32.21 -15.14 7.85
C PHE A 522 -32.04 -13.64 8.09
N ILE A 523 -31.04 -13.04 7.43
CA ILE A 523 -30.87 -11.58 7.53
C ILE A 523 -32.15 -10.87 7.11
N GLU A 524 -32.79 -11.37 6.05
CA GLU A 524 -33.98 -10.75 5.50
C GLU A 524 -35.24 -11.08 6.31
N MET A 525 -35.14 -12.03 7.25
CA MET A 525 -36.18 -12.26 8.24
C MET A 525 -35.98 -11.43 9.51
N GLU A 526 -34.73 -11.33 9.98
CA GLU A 526 -34.41 -10.33 11.00
C GLU A 526 -34.81 -8.95 10.54
N LYS A 527 -34.60 -8.66 9.25
CA LYS A 527 -34.85 -7.34 8.70
C LYS A 527 -36.35 -7.03 8.66
N ARG A 528 -37.19 -8.06 8.55
CA ARG A 528 -38.64 -7.93 8.70
C ARG A 528 -39.09 -8.16 10.14
N VAL A 529 -38.17 -8.46 11.05
CA VAL A 529 -38.45 -8.72 12.46
C VAL A 529 -39.51 -9.82 12.58
N ILE A 530 -39.23 -10.97 11.97
CA ILE A 530 -39.98 -12.19 12.19
C ILE A 530 -39.11 -13.32 12.74
N LEU A 531 -37.81 -13.06 12.89
CA LEU A 531 -36.85 -14.04 13.38
C LEU A 531 -35.84 -13.28 14.23
N GLY A 532 -35.85 -13.52 15.54
CA GLY A 532 -34.99 -12.81 16.46
C GLY A 532 -34.47 -13.73 17.55
N GLU A 533 -33.69 -13.13 18.46
CA GLU A 533 -33.13 -13.87 19.57
C GLU A 533 -34.20 -14.56 20.41
N GLY A 534 -35.45 -14.10 20.33
CA GLY A 534 -36.55 -14.75 20.99
C GLY A 534 -37.75 -14.96 20.10
N LYS A 535 -37.55 -14.85 18.78
CA LYS A 535 -38.62 -14.99 17.78
C LYS A 535 -38.28 -16.20 16.93
N LEU A 536 -38.82 -17.36 17.29
CA LEU A 536 -38.45 -18.62 16.65
C LEU A 536 -39.62 -19.46 16.17
N ASP A 537 -40.87 -19.01 16.37
CA ASP A 537 -42.02 -19.81 15.97
C ASP A 537 -42.03 -20.06 14.47
N ILE A 538 -41.82 -19.00 13.67
CA ILE A 538 -41.74 -19.16 12.22
C ILE A 538 -40.60 -20.09 11.84
N LEU A 539 -39.42 -19.88 12.43
CA LEU A 539 -38.27 -20.71 12.12
C LEU A 539 -38.50 -22.16 12.53
N LYS A 540 -39.09 -22.38 13.70
CA LYS A 540 -39.29 -23.75 14.18
C LYS A 540 -40.27 -24.53 13.32
N ARG A 541 -41.20 -23.85 12.65
CA ARG A 541 -42.16 -24.55 11.80
C ARG A 541 -41.53 -24.99 10.49
N VAL A 542 -40.90 -24.05 9.77
CA VAL A 542 -40.42 -24.33 8.42
C VAL A 542 -39.35 -25.41 8.42
N CYS A 543 -38.55 -25.49 9.50
CA CYS A 543 -37.52 -26.52 9.57
C CYS A 543 -38.12 -27.91 9.80
N ALA A 544 -39.18 -28.00 10.60
CA ALA A 544 -39.83 -29.29 10.85
C ALA A 544 -40.45 -29.90 9.61
N GLN A 545 -40.59 -29.11 8.56
CA GLN A 545 -41.16 -29.62 7.35
C GLN A 545 -40.11 -30.06 6.38
N ILE A 546 -38.86 -29.69 6.63
CA ILE A 546 -37.80 -30.08 5.70
C ILE A 546 -36.96 -31.19 6.26
N ASN A 547 -36.28 -30.92 7.34
CA ASN A 547 -35.47 -31.94 7.96
C ASN A 547 -35.90 -31.85 9.36
N LYS A 548 -36.27 -32.93 9.99
CA LYS A 548 -36.65 -32.66 11.35
C LYS A 548 -35.46 -32.33 12.21
N SER A 549 -34.34 -33.01 11.99
CA SER A 549 -33.23 -32.84 12.92
C SER A 549 -32.64 -31.43 12.86
N LEU A 550 -33.11 -30.58 11.96
CA LEU A 550 -32.83 -29.15 12.06
C LEU A 550 -33.51 -28.55 13.28
N LEU A 551 -34.63 -29.14 13.70
CA LEU A 551 -35.35 -28.64 14.87
C LEU A 551 -34.54 -28.83 16.14
N LYS A 552 -33.81 -29.95 16.25
CA LYS A 552 -33.07 -30.25 17.47
C LYS A 552 -32.01 -29.20 17.75
N ILE A 553 -31.39 -28.66 16.69
CA ILE A 553 -30.42 -27.58 16.85
C ILE A 553 -31.06 -26.40 17.56
N ILE A 554 -32.33 -26.12 17.27
CA ILE A 554 -33.01 -25.00 17.89
C ILE A 554 -33.27 -25.27 19.37
N ASN A 555 -33.71 -26.49 19.68
CA ASN A 555 -34.04 -26.81 21.08
C ASN A 555 -32.81 -26.75 21.97
N ASP A 556 -31.66 -27.20 21.47
CA ASP A 556 -30.45 -27.21 22.27
C ASP A 556 -30.00 -25.78 22.59
N TYR A 557 -30.08 -24.88 21.61
CA TYR A 557 -29.87 -23.47 21.87
C TYR A 557 -30.88 -22.93 22.89
N GLU A 558 -32.14 -23.30 22.73
CA GLU A 558 -33.21 -22.81 23.58
C GLU A 558 -33.21 -23.48 24.95
N GLU A 559 -32.32 -24.45 25.19
CA GLU A 559 -32.06 -25.01 26.51
C GLU A 559 -31.15 -24.12 27.34
N PHE A 560 -30.49 -23.15 26.73
CA PHE A 560 -29.46 -22.34 27.40
C PHE A 560 -29.96 -20.90 27.53
N SER A 561 -30.78 -20.66 28.56
CA SER A 561 -31.18 -19.31 28.95
C SER A 561 -31.87 -19.33 30.31
#